data_1NN5
#
_entry.id   1NN5
#
_cell.length_a   101.100
_cell.length_b   101.100
_cell.length_c   49.800
_cell.angle_alpha   90.00
_cell.angle_beta   90.00
_cell.angle_gamma   90.00
#
_symmetry.space_group_name_H-M   'P 43 21 2'
#
loop_
_entity.id
_entity.type
_entity.pdbx_description
1 polymer 'Similar to deoxythymidylate kinase (thymidylate kinase)'
2 non-polymer 'MAGNESIUM ION'
3 non-polymer "3'-DEOXYTHYMIDINE-5'-MONOPHOSPHATE"
4 non-polymer 'PHOSPHOAMINOPHOSPHONIC ACID-ADENYLATE ESTER'
5 water water
#
_entity_poly.entity_id   1
_entity_poly.type   'polypeptide(L)'
_entity_poly.pdbx_seq_one_letter_code
;GSHMAARRGALIVLEGVDRAGKSTQSRKLVEALCAAGHRAELLRFPERSTEIGKLLSSYLQKKSDVEDHSVHLLFSANRW
EQVPLIKEKLSQGVTLVVDRYAFSGVAFTGAKENFSLDWCKQPDVGLPKPDLVLFLQLQLADAAKRGAFGHERYENGAFQ
ERALRCFHQLMKDTTLNWKMVDASKSIEAVHEDIRVLSEDAIATATEKPLGELWK
;
_entity_poly.pdbx_strand_id   A
#
# COMPACT_ATOMS: atom_id res chain seq x y z
N ARG A 7 -10.60 -12.88 17.76
CA ARG A 7 -9.24 -12.99 17.13
C ARG A 7 -9.20 -12.11 15.88
N ARG A 8 -8.56 -10.95 15.99
CA ARG A 8 -8.63 -10.05 14.83
C ARG A 8 -7.82 -10.54 13.63
N GLY A 9 -8.24 -9.96 12.49
CA GLY A 9 -7.51 -10.19 11.24
C GLY A 9 -6.26 -9.29 11.22
N ALA A 10 -5.38 -9.61 10.29
CA ALA A 10 -4.17 -8.83 10.07
C ALA A 10 -4.42 -7.79 8.95
N LEU A 11 -3.70 -6.69 9.04
CA LEU A 11 -3.76 -5.65 7.99
C LEU A 11 -2.42 -5.75 7.25
N ILE A 12 -2.49 -6.27 6.03
CA ILE A 12 -1.29 -6.53 5.25
C ILE A 12 -1.28 -5.60 4.04
N VAL A 13 -0.21 -4.81 3.90
CA VAL A 13 -0.12 -3.88 2.78
C VAL A 13 0.97 -4.31 1.81
N LEU A 14 0.70 -4.16 0.52
CA LEU A 14 1.71 -4.37 -0.52
C LEU A 14 2.06 -3.01 -1.13
N GLU A 15 3.34 -2.71 -1.16
CA GLU A 15 3.88 -1.51 -1.78
C GLU A 15 5.02 -1.90 -2.73
N GLY A 16 5.45 -0.95 -3.55
CA GLY A 16 6.51 -1.17 -4.53
C GLY A 16 6.35 -0.14 -5.66
N VAL A 17 7.38 0.00 -6.48
CA VAL A 17 7.35 0.94 -7.61
C VAL A 17 6.33 0.42 -8.62
N ASP A 18 6.00 1.24 -9.63
CA ASP A 18 5.06 0.78 -10.64
C ASP A 18 5.55 -0.51 -11.32
N ARG A 19 4.60 -1.42 -11.55
CA ARG A 19 4.85 -2.69 -12.21
C ARG A 19 5.64 -3.74 -11.46
N ALA A 20 5.83 -3.55 -10.15
CA ALA A 20 6.50 -4.49 -9.29
C ALA A 20 5.69 -5.76 -9.09
N GLY A 21 4.38 -5.72 -9.36
CA GLY A 21 3.54 -6.90 -9.15
C GLY A 21 2.56 -6.79 -7.98
N LYS A 22 2.33 -5.58 -7.51
CA LYS A 22 1.48 -5.34 -6.35
C LYS A 22 0.08 -5.90 -6.55
N SER A 23 -0.52 -5.54 -7.70
CA SER A 23 -1.90 -5.99 -7.89
C SER A 23 -1.99 -7.48 -8.11
N THR A 24 -1.09 -8.01 -8.94
CA THR A 24 -1.12 -9.46 -9.15
C THR A 24 -0.97 -10.20 -7.81
N GLN A 25 0.06 -9.79 -7.05
CA GLN A 25 0.31 -10.49 -5.79
C GLN A 25 -0.75 -10.24 -4.74
N SER A 26 -1.40 -9.08 -4.76
CA SER A 26 -2.49 -8.88 -3.78
C SER A 26 -3.64 -9.82 -4.10
N ARG A 27 -4.00 -9.94 -5.39
CA ARG A 27 -5.09 -10.83 -5.78
C ARG A 27 -4.73 -12.27 -5.44
N LYS A 28 -3.53 -12.71 -5.81
CA LYS A 28 -3.16 -14.11 -5.54
C LYS A 28 -3.07 -14.38 -4.04
N LEU A 29 -2.68 -13.39 -3.25
CA LEU A 29 -2.57 -13.64 -1.81
C LEU A 29 -3.95 -13.85 -1.23
N VAL A 30 -4.94 -13.03 -1.57
CA VAL A 30 -6.28 -13.20 -1.00
C VAL A 30 -6.82 -14.56 -1.43
N GLU A 31 -6.62 -14.92 -2.69
CA GLU A 31 -7.10 -16.23 -3.14
C GLU A 31 -6.48 -17.36 -2.34
N ALA A 32 -5.18 -17.31 -2.13
CA ALA A 32 -4.49 -18.38 -1.41
C ALA A 32 -4.91 -18.44 0.05
N LEU A 33 -5.05 -17.27 0.67
CA LEU A 33 -5.43 -17.27 2.09
C LEU A 33 -6.82 -17.87 2.23
N CYS A 34 -7.78 -17.47 1.38
CA CYS A 34 -9.14 -18.01 1.51
C CYS A 34 -9.15 -19.51 1.23
N ALA A 35 -8.31 -19.97 0.29
CA ALA A 35 -8.28 -21.42 0.01
C ALA A 35 -7.70 -22.19 1.18
N ALA A 36 -6.94 -21.53 2.05
CA ALA A 36 -6.32 -22.11 3.21
C ALA A 36 -7.19 -21.88 4.45
N GLY A 37 -8.48 -21.56 4.28
CA GLY A 37 -9.40 -21.41 5.36
C GLY A 37 -9.43 -20.10 6.10
N HIS A 38 -8.62 -19.11 5.66
CA HIS A 38 -8.71 -17.82 6.32
C HIS A 38 -9.86 -17.00 5.73
N ARG A 39 -10.34 -16.04 6.48
CA ARG A 39 -11.24 -15.04 5.95
C ARG A 39 -10.33 -13.85 5.57
N ALA A 40 -10.23 -13.60 4.28
CA ALA A 40 -9.37 -12.51 3.82
C ALA A 40 -10.06 -11.82 2.66
N GLU A 41 -9.88 -10.49 2.62
CA GLU A 41 -10.46 -9.71 1.56
C GLU A 41 -9.44 -8.71 1.01
N LEU A 42 -9.65 -8.32 -0.23
CA LEU A 42 -8.81 -7.37 -0.94
C LEU A 42 -9.34 -5.93 -0.90
N LEU A 43 -8.40 -5.03 -0.66
CA LEU A 43 -8.68 -3.60 -0.78
C LEU A 43 -7.58 -2.98 -1.64
N ARG A 44 -7.84 -1.77 -2.17
CA ARG A 44 -6.77 -1.09 -2.92
C ARG A 44 -6.93 0.41 -2.72
N PHE A 45 -5.81 1.09 -2.89
CA PHE A 45 -5.87 2.56 -2.87
C PHE A 45 -5.13 3.06 -4.09
N PRO A 46 -5.63 4.12 -4.72
CA PRO A 46 -6.89 4.74 -4.39
C PRO A 46 -8.07 3.82 -4.68
N GLU A 47 -9.10 4.04 -3.88
CA GLU A 47 -10.38 3.32 -4.06
C GLU A 47 -11.19 4.29 -4.93
N ARG A 48 -11.27 3.97 -6.22
CA ARG A 48 -11.91 4.92 -7.14
C ARG A 48 -13.41 4.92 -7.17
N SER A 49 -14.09 4.07 -6.43
CA SER A 49 -15.53 3.95 -6.43
C SER A 49 -16.23 5.11 -5.73
N THR A 50 -15.54 5.79 -4.82
CA THR A 50 -16.22 6.85 -4.06
C THR A 50 -16.14 8.19 -4.80
N GLU A 51 -16.88 9.17 -4.29
CA GLU A 51 -16.83 10.50 -4.90
C GLU A 51 -15.38 10.99 -4.94
N ILE A 52 -14.69 10.86 -3.79
CA ILE A 52 -13.27 11.26 -3.79
C ILE A 52 -12.46 10.43 -4.76
N GLY A 53 -12.67 9.12 -4.75
CA GLY A 53 -11.97 8.22 -5.65
C GLY A 53 -12.17 8.62 -7.10
N LYS A 54 -13.36 9.05 -7.50
CA LYS A 54 -13.57 9.46 -8.89
C LYS A 54 -12.74 10.66 -9.28
N LEU A 55 -12.60 11.66 -8.39
CA LEU A 55 -11.76 12.82 -8.64
C LEU A 55 -10.29 12.39 -8.80
N LEU A 56 -9.89 11.43 -7.99
CA LEU A 56 -8.51 10.93 -8.05
C LEU A 56 -8.27 10.18 -9.35
N SER A 57 -9.27 9.42 -9.78
CA SER A 57 -9.14 8.64 -11.01
C SER A 57 -9.02 9.59 -12.19
N SER A 58 -9.83 10.65 -12.17
CA SER A 58 -9.76 11.62 -13.28
C SER A 58 -8.41 12.30 -13.30
N TYR A 59 -7.86 12.64 -12.13
CA TYR A 59 -6.54 13.25 -12.04
C TYR A 59 -5.45 12.35 -12.60
N LEU A 60 -5.44 11.09 -12.18
CA LEU A 60 -4.39 10.17 -12.64
C LEU A 60 -4.45 9.94 -14.15
N GLN A 61 -5.66 10.00 -14.69
CA GLN A 61 -5.86 9.82 -16.12
C GLN A 61 -5.52 11.07 -16.91
N LYS A 62 -5.20 12.14 -16.18
CA LYS A 62 -4.87 13.42 -16.81
C LYS A 62 -6.09 14.05 -17.46
N LYS A 63 -7.27 13.67 -16.99
CA LYS A 63 -8.52 14.21 -17.51
C LYS A 63 -8.87 15.46 -16.72
N SER A 64 -8.16 15.61 -15.60
CA SER A 64 -8.33 16.80 -14.77
C SER A 64 -7.00 17.14 -14.11
N ASP A 65 -6.85 18.42 -13.79
CA ASP A 65 -5.67 18.90 -13.10
C ASP A 65 -6.15 19.27 -11.69
N VAL A 66 -5.33 18.94 -10.73
CA VAL A 66 -5.62 19.21 -9.32
C VAL A 66 -4.32 19.73 -8.69
N GLU A 67 -4.46 20.80 -7.94
CA GLU A 67 -3.33 21.40 -7.21
C GLU A 67 -2.66 20.31 -6.37
N ASP A 68 -1.34 20.27 -6.31
CA ASP A 68 -0.60 19.16 -5.71
C ASP A 68 -0.90 18.88 -4.25
N HIS A 69 -1.06 19.92 -3.44
CA HIS A 69 -1.41 19.70 -2.03
C HIS A 69 -2.84 19.18 -1.94
N SER A 70 -3.77 19.80 -2.67
CA SER A 70 -5.13 19.33 -2.66
C SER A 70 -5.23 17.86 -3.03
N VAL A 71 -4.55 17.42 -4.10
CA VAL A 71 -4.65 16.02 -4.50
C VAL A 71 -4.03 15.09 -3.47
N HIS A 72 -2.93 15.51 -2.85
CA HIS A 72 -2.36 14.73 -1.76
C HIS A 72 -3.36 14.47 -0.65
N LEU A 73 -4.11 15.51 -0.28
CA LEU A 73 -5.12 15.39 0.80
C LEU A 73 -6.29 14.55 0.38
N LEU A 74 -6.68 14.59 -0.90
CA LEU A 74 -7.72 13.73 -1.41
C LEU A 74 -7.31 12.25 -1.31
N PHE A 75 -6.04 11.98 -1.67
CA PHE A 75 -5.57 10.58 -1.56
C PHE A 75 -5.66 10.09 -0.11
N SER A 76 -5.32 10.94 0.84
CA SER A 76 -5.38 10.55 2.26
C SER A 76 -6.84 10.47 2.70
N ALA A 77 -7.69 11.40 2.30
CA ALA A 77 -9.11 11.35 2.65
C ALA A 77 -9.75 10.07 2.13
N ASN A 78 -9.32 9.61 0.96
CA ASN A 78 -9.81 8.35 0.40
C ASN A 78 -9.46 7.15 1.24
N ARG A 79 -8.34 7.20 1.98
CA ARG A 79 -8.04 6.14 2.95
C ARG A 79 -8.91 6.29 4.19
N TRP A 80 -9.03 7.48 4.76
CA TRP A 80 -9.85 7.66 5.96
C TRP A 80 -11.29 7.25 5.71
N GLU A 81 -11.86 7.48 4.54
CA GLU A 81 -13.26 7.11 4.36
C GLU A 81 -13.44 5.60 4.48
N GLN A 82 -12.36 4.83 4.31
CA GLN A 82 -12.46 3.38 4.42
C GLN A 82 -12.10 2.90 5.82
N VAL A 83 -11.72 3.77 6.77
CA VAL A 83 -11.29 3.34 8.09
C VAL A 83 -12.36 2.62 8.89
N PRO A 84 -13.59 3.09 8.91
CA PRO A 84 -14.63 2.39 9.65
C PRO A 84 -14.81 0.97 9.11
N LEU A 85 -14.76 0.79 7.79
CA LEU A 85 -14.84 -0.55 7.21
C LEU A 85 -13.63 -1.40 7.58
N ILE A 86 -12.43 -0.83 7.49
CA ILE A 86 -11.22 -1.57 7.82
C ILE A 86 -11.26 -2.06 9.26
N LYS A 87 -11.61 -1.15 10.19
CA LYS A 87 -11.64 -1.56 11.60
C LYS A 87 -12.73 -2.59 11.84
N GLU A 88 -13.86 -2.45 11.20
CA GLU A 88 -14.93 -3.44 11.38
C GLU A 88 -14.49 -4.82 10.90
N LYS A 89 -13.92 -4.85 9.69
CA LYS A 89 -13.51 -6.16 9.18
C LYS A 89 -12.44 -6.81 10.03
N LEU A 90 -11.39 -6.08 10.39
CA LEU A 90 -10.33 -6.61 11.22
C LEU A 90 -10.90 -7.12 12.56
N SER A 91 -11.86 -6.36 13.09
CA SER A 91 -12.43 -6.78 14.38
C SER A 91 -13.20 -8.09 14.24
N GLN A 92 -13.75 -8.36 13.08
CA GLN A 92 -14.55 -9.56 12.84
C GLN A 92 -13.67 -10.75 12.46
N GLY A 93 -12.35 -10.56 12.42
CA GLY A 93 -11.42 -11.63 12.11
C GLY A 93 -11.06 -11.73 10.64
N VAL A 94 -11.43 -10.74 9.84
CA VAL A 94 -11.08 -10.76 8.42
C VAL A 94 -9.73 -10.07 8.22
N THR A 95 -8.82 -10.79 7.57
CA THR A 95 -7.51 -10.23 7.20
C THR A 95 -7.70 -9.46 5.91
N LEU A 96 -7.14 -8.26 5.88
CA LEU A 96 -7.24 -7.36 4.73
C LEU A 96 -5.88 -7.23 4.08
N VAL A 97 -5.93 -7.50 2.78
CA VAL A 97 -4.74 -7.39 1.91
C VAL A 97 -4.95 -6.14 1.06
N VAL A 98 -4.07 -5.16 1.21
CA VAL A 98 -4.24 -3.83 0.62
C VAL A 98 -3.17 -3.49 -0.39
N ASP A 99 -3.60 -3.22 -1.62
CA ASP A 99 -2.74 -2.90 -2.77
C ASP A 99 -2.52 -1.38 -2.76
N ARG A 100 -1.40 -0.98 -2.20
CA ARG A 100 -1.01 0.39 -1.95
C ARG A 100 -1.73 0.97 -0.72
N TYR A 101 -0.98 1.82 0.01
CA TYR A 101 -1.58 2.50 1.18
C TYR A 101 -0.94 3.85 1.36
N ALA A 102 -0.77 4.30 2.61
CA ALA A 102 -0.23 5.63 2.88
C ALA A 102 1.20 5.80 2.37
N PHE A 103 1.95 4.72 2.29
CA PHE A 103 3.35 4.82 1.87
C PHE A 103 3.44 5.30 0.43
N SER A 104 2.57 4.78 -0.45
CA SER A 104 2.50 5.31 -1.81
C SER A 104 2.08 6.78 -1.77
N GLY A 105 1.13 7.13 -0.92
CA GLY A 105 0.68 8.53 -0.81
C GLY A 105 1.90 9.41 -0.54
N VAL A 106 2.70 9.06 0.44
CA VAL A 106 3.87 9.89 0.80
C VAL A 106 4.94 9.85 -0.27
N ALA A 107 5.24 8.66 -0.80
CA ALA A 107 6.30 8.58 -1.80
C ALA A 107 6.01 9.34 -3.08
N PHE A 108 4.79 9.26 -3.57
CA PHE A 108 4.44 9.92 -4.82
C PHE A 108 4.39 11.43 -4.63
N THR A 109 3.72 11.97 -3.62
CA THR A 109 3.76 13.43 -3.47
C THR A 109 5.14 13.92 -3.07
N GLY A 110 5.85 13.13 -2.26
CA GLY A 110 7.19 13.46 -1.76
C GLY A 110 8.20 13.54 -2.91
N ALA A 111 7.86 12.90 -4.03
CA ALA A 111 8.74 12.95 -5.20
C ALA A 111 8.62 14.28 -5.93
N LYS A 112 7.57 15.04 -5.65
CA LYS A 112 7.40 16.36 -6.27
C LYS A 112 8.29 17.36 -5.58
N GLU A 113 8.59 18.48 -6.27
CA GLU A 113 9.43 19.50 -5.66
C GLU A 113 8.76 20.21 -4.50
N ASN A 114 9.51 20.55 -3.47
CA ASN A 114 9.03 21.33 -2.35
C ASN A 114 7.95 20.67 -1.50
N PHE A 115 8.02 19.35 -1.39
CA PHE A 115 7.14 18.58 -0.55
C PHE A 115 7.96 17.79 0.46
N SER A 116 7.97 18.20 1.71
CA SER A 116 8.78 17.44 2.69
C SER A 116 8.09 16.12 3.04
N LEU A 117 8.90 15.11 3.41
CA LEU A 117 8.28 13.85 3.83
C LEU A 117 7.40 14.09 5.03
N ASP A 118 7.79 14.95 5.97
CA ASP A 118 6.99 15.24 7.15
C ASP A 118 5.60 15.76 6.77
N TRP A 119 5.53 16.79 5.93
CA TRP A 119 4.23 17.33 5.56
C TRP A 119 3.38 16.25 4.89
N CYS A 120 4.01 15.44 4.03
CA CYS A 120 3.28 14.41 3.33
C CYS A 120 2.71 13.33 4.26
N LYS A 121 3.45 12.99 5.31
CA LYS A 121 2.94 11.97 6.23
C LYS A 121 1.76 12.40 7.05
N GLN A 122 1.68 13.67 7.46
CA GLN A 122 0.71 14.09 8.47
C GLN A 122 -0.73 13.69 8.24
N PRO A 123 -1.32 13.86 7.05
CA PRO A 123 -2.73 13.56 6.88
C PRO A 123 -3.03 12.10 7.25
N ASP A 124 -2.07 11.20 7.02
CA ASP A 124 -2.28 9.78 7.28
C ASP A 124 -1.89 9.36 8.69
N VAL A 125 -1.37 10.28 9.47
CA VAL A 125 -1.04 9.92 10.87
C VAL A 125 -2.30 9.48 11.57
N GLY A 126 -2.24 8.30 12.23
CA GLY A 126 -3.44 7.81 12.90
C GLY A 126 -4.21 6.73 12.16
N LEU A 127 -3.95 6.52 10.88
CA LEU A 127 -4.65 5.44 10.18
C LEU A 127 -4.34 4.08 10.83
N PRO A 128 -5.16 3.10 10.55
CA PRO A 128 -4.87 1.74 11.01
C PRO A 128 -3.45 1.38 10.59
N LYS A 129 -2.62 0.93 11.50
CA LYS A 129 -1.24 0.59 11.20
C LYS A 129 -1.13 -0.81 10.63
N PRO A 130 -0.55 -1.00 9.46
CA PRO A 130 -0.38 -2.33 8.93
C PRO A 130 0.42 -3.18 9.91
N ASP A 131 0.04 -4.47 9.96
CA ASP A 131 0.78 -5.46 10.73
C ASP A 131 1.97 -5.98 9.94
N LEU A 132 1.96 -5.80 8.61
CA LEU A 132 2.98 -6.25 7.70
C LEU A 132 2.99 -5.33 6.46
N VAL A 133 4.15 -4.80 6.10
CA VAL A 133 4.24 -3.97 4.90
C VAL A 133 5.22 -4.70 3.98
N LEU A 134 4.74 -5.26 2.89
CA LEU A 134 5.61 -5.92 1.93
C LEU A 134 6.07 -4.90 0.90
N PHE A 135 7.37 -4.85 0.66
CA PHE A 135 7.88 -3.94 -0.38
C PHE A 135 8.39 -4.82 -1.51
N LEU A 136 7.76 -4.77 -2.66
CA LEU A 136 8.15 -5.59 -3.81
C LEU A 136 9.25 -4.89 -4.60
N GLN A 137 10.48 -5.37 -4.38
CA GLN A 137 11.64 -4.76 -5.03
C GLN A 137 11.90 -5.30 -6.41
N LEU A 138 12.18 -4.39 -7.33
CA LEU A 138 12.43 -4.76 -8.73
C LEU A 138 13.26 -3.61 -9.33
N GLN A 139 14.31 -3.95 -10.07
CA GLN A 139 15.08 -2.85 -10.66
C GLN A 139 14.12 -1.96 -11.43
N LEU A 140 14.31 -0.63 -11.43
CA LEU A 140 13.42 0.22 -12.21
C LEU A 140 13.44 -0.24 -13.66
N ALA A 141 14.62 -0.65 -14.13
CA ALA A 141 14.76 -1.08 -15.51
C ALA A 141 13.90 -2.29 -15.83
N ASP A 142 13.80 -3.26 -14.93
CA ASP A 142 12.96 -4.44 -15.22
C ASP A 142 11.50 -4.06 -15.20
N ALA A 143 11.13 -3.23 -14.22
CA ALA A 143 9.74 -2.78 -14.13
C ALA A 143 9.30 -2.22 -15.48
N ALA A 144 10.24 -1.61 -16.21
CA ALA A 144 9.92 -1.02 -17.51
C ALA A 144 9.73 -2.08 -18.60
N LYS A 145 10.26 -3.27 -18.38
CA LYS A 145 10.13 -4.38 -19.32
C LYS A 145 8.72 -4.96 -19.28
N ARG A 146 8.04 -4.84 -18.15
CA ARG A 146 6.69 -5.36 -18.00
C ARG A 146 5.65 -4.48 -18.68
N GLU A 152 -0.67 6.81 -17.23
CA GLU A 152 -1.26 7.74 -16.28
C GLU A 152 -0.18 8.70 -15.77
N ARG A 153 -0.61 9.58 -14.86
CA ARG A 153 0.33 10.52 -14.27
C ARG A 153 1.40 9.74 -13.52
N TYR A 154 2.61 10.26 -13.39
CA TYR A 154 3.69 9.65 -12.64
C TYR A 154 4.35 8.47 -13.32
N GLU A 155 3.89 8.12 -14.51
CA GLU A 155 4.44 6.97 -15.23
C GLU A 155 5.58 7.37 -16.16
N ASN A 156 6.70 7.73 -15.54
CA ASN A 156 7.94 8.09 -16.21
C ASN A 156 9.09 7.75 -15.28
N GLY A 157 10.23 7.35 -15.84
CA GLY A 157 11.39 6.95 -15.09
C GLY A 157 11.95 7.89 -14.05
N ALA A 158 12.08 9.18 -14.40
CA ALA A 158 12.67 10.13 -13.48
C ALA A 158 11.80 10.30 -12.23
N PHE A 159 10.50 10.30 -12.49
CA PHE A 159 9.60 10.46 -11.33
C PHE A 159 9.61 9.20 -10.46
N GLN A 160 9.62 8.04 -11.11
CA GLN A 160 9.63 6.79 -10.35
C GLN A 160 10.86 6.68 -9.48
N GLU A 161 12.01 7.14 -9.97
CA GLU A 161 13.24 7.09 -9.19
C GLU A 161 13.13 7.95 -7.93
N ARG A 162 12.50 9.13 -8.08
CA ARG A 162 12.32 9.99 -6.91
C ARG A 162 11.34 9.35 -5.91
N ALA A 163 10.29 8.71 -6.45
CA ALA A 163 9.37 8.04 -5.50
C ALA A 163 10.09 6.90 -4.79
N LEU A 164 10.91 6.15 -5.56
CA LEU A 164 11.65 5.07 -4.92
C LEU A 164 12.53 5.59 -3.80
N ARG A 165 13.22 6.73 -3.98
CA ARG A 165 14.02 7.28 -2.90
C ARG A 165 13.19 7.57 -1.66
N CYS A 166 11.96 8.07 -1.90
CA CYS A 166 11.08 8.36 -0.78
C CYS A 166 10.68 7.08 -0.05
N PHE A 167 10.36 6.04 -0.84
CA PHE A 167 10.04 4.75 -0.20
C PHE A 167 11.20 4.33 0.72
N HIS A 168 12.44 4.44 0.25
CA HIS A 168 13.57 4.04 1.06
C HIS A 168 13.69 4.85 2.33
N GLN A 169 13.30 6.13 2.26
CA GLN A 169 13.29 6.88 3.53
C GLN A 169 12.25 6.33 4.48
N LEU A 170 11.06 5.95 3.98
CA LEU A 170 9.99 5.45 4.83
C LEU A 170 10.35 4.11 5.47
N MET A 171 11.23 3.37 4.81
CA MET A 171 11.64 2.07 5.31
C MET A 171 12.59 2.16 6.50
N LYS A 172 13.12 3.35 6.75
CA LYS A 172 14.00 3.51 7.91
C LYS A 172 13.15 3.50 9.18
N ASP A 173 11.83 3.60 9.03
CA ASP A 173 10.93 3.64 10.17
C ASP A 173 10.78 2.27 10.80
N THR A 174 11.49 2.06 11.91
CA THR A 174 11.50 0.82 12.64
C THR A 174 10.19 0.53 13.37
N THR A 175 9.27 1.49 13.43
CA THR A 175 7.99 1.22 14.08
C THR A 175 7.14 0.32 13.19
N LEU A 176 7.57 0.12 11.93
CA LEU A 176 6.76 -0.67 11.01
C LEU A 176 7.41 -1.99 10.63
N ASN A 177 6.61 -3.01 10.40
CA ASN A 177 7.09 -4.35 10.06
C ASN A 177 7.28 -4.47 8.56
N TRP A 178 8.33 -3.85 8.06
CA TRP A 178 8.66 -3.94 6.65
C TRP A 178 9.33 -5.27 6.32
N LYS A 179 8.90 -5.87 5.22
CA LYS A 179 9.54 -7.07 4.70
C LYS A 179 9.83 -6.84 3.22
N MET A 180 11.08 -6.98 2.80
CA MET A 180 11.46 -6.84 1.40
C MET A 180 11.13 -8.13 0.66
N VAL A 181 10.61 -7.99 -0.55
CA VAL A 181 10.31 -9.14 -1.38
C VAL A 181 11.04 -9.00 -2.69
N ASP A 182 11.76 -10.03 -3.11
CA ASP A 182 12.44 -9.99 -4.42
C ASP A 182 11.39 -10.24 -5.51
N ALA A 183 10.88 -9.14 -6.04
CA ALA A 183 9.81 -9.22 -7.04
C ALA A 183 10.27 -9.55 -8.44
N SER A 184 11.57 -9.81 -8.63
CA SER A 184 12.07 -10.17 -9.96
C SER A 184 11.86 -11.64 -10.31
N LYS A 185 11.47 -12.45 -9.33
CA LYS A 185 11.23 -13.87 -9.55
C LYS A 185 9.91 -14.08 -10.29
N SER A 186 9.56 -15.31 -10.58
CA SER A 186 8.33 -15.59 -11.31
C SER A 186 7.12 -15.19 -10.45
N ILE A 187 5.98 -15.04 -11.09
CA ILE A 187 4.77 -14.70 -10.35
C ILE A 187 4.51 -15.71 -9.23
N GLU A 188 4.67 -17.01 -9.51
CA GLU A 188 4.44 -18.04 -8.51
C GLU A 188 5.48 -18.03 -7.39
N ALA A 189 6.74 -17.80 -7.71
CA ALA A 189 7.76 -17.78 -6.68
C ALA A 189 7.58 -16.60 -5.74
N VAL A 190 7.28 -15.43 -6.34
CA VAL A 190 7.06 -14.24 -5.50
C VAL A 190 5.86 -14.46 -4.59
N HIS A 191 4.83 -15.05 -5.20
CA HIS A 191 3.62 -15.34 -4.43
C HIS A 191 3.94 -16.22 -3.23
N GLU A 192 4.73 -17.29 -3.43
CA GLU A 192 4.99 -18.18 -2.29
C GLU A 192 5.70 -17.44 -1.17
N ASP A 193 6.65 -16.56 -1.53
CA ASP A 193 7.37 -15.78 -0.55
C ASP A 193 6.41 -14.90 0.26
N ILE A 194 5.53 -14.22 -0.49
CA ILE A 194 4.56 -13.33 0.16
C ILE A 194 3.55 -14.10 1.01
N ARG A 195 3.12 -15.26 0.53
CA ARG A 195 2.14 -16.06 1.26
C ARG A 195 2.70 -16.55 2.60
N VAL A 196 3.93 -17.04 2.57
CA VAL A 196 4.49 -17.51 3.86
C VAL A 196 4.68 -16.37 4.84
N LEU A 197 5.12 -15.19 4.35
CA LEU A 197 5.25 -14.05 5.27
C LEU A 197 3.90 -13.66 5.84
N SER A 198 2.86 -13.72 5.00
CA SER A 198 1.52 -13.34 5.39
C SER A 198 0.91 -14.30 6.42
N GLU A 199 1.09 -15.61 6.23
CA GLU A 199 0.61 -16.55 7.24
C GLU A 199 1.23 -16.28 8.61
N ASP A 200 2.52 -15.97 8.60
CA ASP A 200 3.18 -15.69 9.90
C ASP A 200 2.57 -14.44 10.51
N ALA A 201 2.38 -13.39 9.71
CA ALA A 201 1.81 -12.18 10.30
C ALA A 201 0.41 -12.40 10.85
N ILE A 202 -0.46 -13.14 10.16
CA ILE A 202 -1.83 -13.35 10.58
C ILE A 202 -1.86 -14.04 11.96
N ALA A 203 -0.98 -15.01 12.07
CA ALA A 203 -0.91 -15.74 13.35
C ALA A 203 -0.34 -14.89 14.48
N THR A 204 0.90 -14.46 14.32
CA THR A 204 1.65 -13.76 15.35
C THR A 204 1.43 -12.28 15.50
N ALA A 205 1.45 -11.52 14.41
CA ALA A 205 1.28 -10.07 14.51
C ALA A 205 -0.05 -9.69 15.14
N THR A 206 -1.07 -10.53 15.00
CA THR A 206 -2.39 -10.26 15.56
C THR A 206 -2.56 -10.38 17.07
N GLU A 207 -1.64 -10.92 17.85
CA GLU A 207 -1.78 -11.05 19.30
C GLU A 207 -1.82 -9.70 20.01
N LYS A 208 -1.50 -8.66 19.26
CA LYS A 208 -1.47 -7.30 19.84
C LYS A 208 -2.56 -6.51 19.14
N PRO A 209 -3.07 -5.47 19.76
CA PRO A 209 -4.10 -4.64 19.20
C PRO A 209 -3.62 -3.92 17.92
N LEU A 210 -4.62 -3.62 17.11
CA LEU A 210 -4.34 -2.86 15.87
C LEU A 210 -3.72 -1.54 16.28
N GLY A 211 -2.59 -1.18 15.72
CA GLY A 211 -1.87 0.04 16.00
C GLY A 211 -2.33 1.23 15.15
N GLU A 212 -1.69 2.36 15.42
CA GLU A 212 -1.99 3.61 14.72
C GLU A 212 -0.73 4.02 13.97
N LEU A 213 -0.90 4.35 12.69
CA LEU A 213 0.26 4.66 11.86
C LEU A 213 0.90 5.99 12.20
N TRP A 214 2.24 5.98 12.31
CA TRP A 214 3.03 7.16 12.53
C TRP A 214 2.69 7.95 13.79
N LYS A 215 2.21 7.25 14.81
CA LYS A 215 1.98 7.89 16.10
C LYS A 215 2.09 6.84 17.21
#